data_8ZWR
#
_entry.id   8ZWR
#
_cell.length_a   47.739
_cell.length_b   85.737
_cell.length_c   87.730
_cell.angle_alpha   90.000
_cell.angle_beta   95.516
_cell.angle_gamma   90.000
#
_symmetry.space_group_name_H-M   'P 1 21 1'
#
loop_
_entity.id
_entity.type
_entity.pdbx_description
1 polymer 'Beta-1,3-galactosyltransferase 5'
2 branched 2-acetamido-2-deoxy-beta-D-glucopyranose-(1-4)-2-acetamido-2-deoxy-beta-D-glucopyranose
3 branched alpha-D-mannopyranose-(1-3)-[alpha-D-mannopyranose-(1-6)]beta-D-mannopyranose-(1-4)-2-acetamido-2-deoxy-beta-D-glucopyranose-(1-4)-[alpha-L-fucopyranose-(1-6)]2-acetamido-2-deoxy-beta-D-glucopyranose
4 branched alpha-L-fucopyranose-(1-6)-2-acetamido-2-deoxy-beta-D-glucopyranose
5 non-polymer 'MANGANESE (II) ION'
6 non-polymer 2-[3-(2-HYDROXY-1,1-DIHYDROXYMETHYL-ETHYLAMINO)-PROPYLAMINO]-2-HYDROXYMETHYL-PROPANE-1,3-DIOL
7 non-polymer "URIDINE-5'-DIPHOSPHATE-2-DEOXY-2-FLUOROGALACTOSE"
8 water water
#
_entity_poly.entity_id   1
_entity_poly.type   'polypeptide(L)'
_entity_poly.pdbx_seq_one_letter_code
;FKEQSFVYKKDGNFLKLPDTDCRQTPPFLVLLVTSSHKQLAERMAIRQTWGKERMVKGKQLKTFFLLGTTSSAAETKEVD
QESQRHGDIIQKDFLDVYYNLTLKTMMGIEWVHRFCPQAAFVMKTDSDMFINVDYLTELLLKKNRTTRFFTGFLKLNEFP
IRQPFSKWFVSKSEYPWDRYPPFCSGTGYVFSGDVASQVYNVSKSVPYIKLEDVFVGLCLERLNIRLEELHSQPTFFPGG
LRFSVCLFRRIVACHFIKPRTLLDYWQALENSRGEDCP
;
_entity_poly.pdbx_strand_id   A,B
#
# COMPACT_ATOMS: atom_id res chain seq x y z
N GLY A 12 -0.55 -12.00 10.27
CA GLY A 12 0.72 -11.88 11.01
C GLY A 12 0.88 -10.49 11.59
N ASN A 13 -0.12 -9.64 11.42
CA ASN A 13 -0.05 -8.24 11.89
C ASN A 13 0.95 -7.45 11.04
N PHE A 14 1.00 -7.67 9.71
CA PHE A 14 1.90 -6.81 8.94
C PHE A 14 1.24 -5.49 8.59
N LEU A 15 1.98 -4.39 8.74
CA LEU A 15 1.46 -3.10 8.30
C LEU A 15 1.61 -2.89 6.80
N LYS A 16 2.67 -3.44 6.19
CA LYS A 16 2.89 -3.33 4.77
C LYS A 16 3.31 -4.68 4.21
N LEU A 17 2.83 -4.98 3.01
CA LEU A 17 3.15 -6.22 2.35
C LEU A 17 3.45 -5.92 0.89
N PRO A 18 4.57 -6.43 0.35
CA PRO A 18 4.85 -6.19 -1.07
C PRO A 18 3.79 -6.82 -1.97
N ASP A 19 3.56 -6.12 -3.09
CA ASP A 19 2.57 -6.60 -4.10
C ASP A 19 3.25 -7.70 -4.89
N THR A 20 3.24 -8.90 -4.35
CA THR A 20 3.91 -10.00 -5.04
C THR A 20 3.11 -11.24 -4.81
N ASP A 21 3.23 -12.21 -5.71
CA ASP A 21 2.46 -13.47 -5.63
C ASP A 21 3.43 -14.58 -5.94
N CYS A 22 4.15 -15.03 -4.93
CA CYS A 22 5.16 -16.08 -5.09
C CYS A 22 4.56 -17.41 -5.51
N ARG A 23 3.26 -17.62 -5.33
CA ARG A 23 2.69 -18.89 -5.76
C ARG A 23 2.63 -18.95 -7.28
N GLN A 24 2.26 -17.82 -7.90
CA GLN A 24 2.19 -17.74 -9.35
C GLN A 24 3.57 -17.91 -9.97
N THR A 25 4.49 -17.01 -9.64
CA THR A 25 5.85 -17.01 -10.16
C THR A 25 6.81 -17.19 -8.99
N PRO A 26 7.11 -18.42 -8.59
CA PRO A 26 8.04 -18.63 -7.49
C PRO A 26 9.39 -18.01 -7.83
N PRO A 27 9.88 -17.12 -6.96
CA PRO A 27 11.20 -16.51 -7.21
C PRO A 27 12.30 -17.49 -6.92
N PHE A 28 13.42 -17.30 -7.60
CA PHE A 28 14.59 -18.11 -7.29
C PHE A 28 15.34 -17.52 -6.11
N LEU A 29 15.51 -16.19 -6.06
CA LEU A 29 16.24 -15.58 -4.96
C LEU A 29 15.48 -14.35 -4.48
N VAL A 30 15.23 -14.29 -3.18
CA VAL A 30 14.59 -13.15 -2.52
C VAL A 30 15.64 -12.49 -1.64
N LEU A 31 15.84 -11.20 -1.82
CA LEU A 31 16.70 -10.40 -0.96
C LEU A 31 15.81 -9.69 0.05
N LEU A 32 16.13 -9.84 1.33
CA LEU A 32 15.51 -9.09 2.42
C LEU A 32 16.58 -8.15 2.97
N VAL A 33 16.38 -6.85 2.80
CA VAL A 33 17.40 -5.84 3.08
C VAL A 33 17.02 -5.04 4.32
N THR A 34 17.92 -4.99 5.30
CA THR A 34 17.70 -4.16 6.49
C THR A 34 18.26 -2.76 6.26
N SER A 35 17.51 -1.77 6.73
CA SER A 35 17.90 -0.37 6.76
C SER A 35 16.98 0.31 7.76
N SER A 36 17.44 1.39 8.37
CA SER A 36 16.58 2.18 9.25
C SER A 36 15.73 3.16 8.44
N HIS A 37 14.73 3.75 9.08
CA HIS A 37 13.82 4.65 8.36
C HIS A 37 14.53 5.77 7.64
N LYS A 38 15.51 6.41 8.28
CA LYS A 38 16.13 7.57 7.66
C LYS A 38 17.03 7.21 6.48
N GLN A 39 17.34 5.93 6.29
CA GLN A 39 18.32 5.53 5.28
C GLN A 39 17.69 5.38 3.90
N LEU A 40 16.97 6.41 3.45
CA LEU A 40 16.37 6.37 2.12
C LEU A 40 17.44 6.31 1.03
N ALA A 41 18.54 7.04 1.19
CA ALA A 41 19.60 7.02 0.17
C ALA A 41 20.14 5.60 -0.03
N GLU A 42 20.35 4.88 1.07
CA GLU A 42 20.78 3.48 0.95
C GLU A 42 19.78 2.68 0.14
N ARG A 43 18.49 2.79 0.47
CA ARG A 43 17.51 1.98 -0.24
C ARG A 43 17.47 2.33 -1.72
N MET A 44 17.56 3.62 -2.05
CA MET A 44 17.54 4.01 -3.46
C MET A 44 18.78 3.52 -4.19
N ALA A 45 19.96 3.66 -3.58
CA ALA A 45 21.16 3.14 -4.21
C ALA A 45 21.02 1.64 -4.47
N ILE A 46 20.44 0.91 -3.52
CA ILE A 46 20.27 -0.54 -3.71
C ILE A 46 19.24 -0.85 -4.80
N ARG A 47 18.13 -0.10 -4.82
CA ARG A 47 17.11 -0.25 -5.85
C ARG A 47 17.71 -0.01 -7.23
N GLN A 48 18.69 0.85 -7.31
CA GLN A 48 19.32 1.17 -8.58
C GLN A 48 20.53 0.30 -8.90
N THR A 49 20.98 -0.53 -7.96
CA THR A 49 22.14 -1.37 -8.25
C THR A 49 21.79 -2.85 -8.08
N TRP A 50 22.35 -3.54 -7.07
CA TRP A 50 22.17 -4.99 -6.97
C TRP A 50 20.77 -5.38 -6.54
N GLY A 51 19.96 -4.44 -6.06
CA GLY A 51 18.59 -4.75 -5.70
C GLY A 51 17.58 -4.68 -6.84
N LYS A 52 17.99 -4.22 -8.02
CA LYS A 52 17.08 -4.09 -9.16
C LYS A 52 16.54 -5.44 -9.58
N GLU A 53 15.22 -5.59 -9.59
CA GLU A 53 14.65 -6.89 -9.91
C GLU A 53 14.87 -7.22 -11.38
N ARG A 54 15.13 -8.51 -11.65
CA ARG A 54 15.45 -8.93 -13.00
C ARG A 54 15.57 -10.45 -13.00
N MET A 55 15.68 -10.97 -14.21
CA MET A 55 16.02 -12.37 -14.42
C MET A 55 17.53 -12.49 -14.46
N VAL A 56 18.07 -13.43 -13.70
CA VAL A 56 19.49 -13.68 -13.59
C VAL A 56 19.69 -15.09 -14.11
N LYS A 57 20.18 -15.21 -15.35
CA LYS A 57 20.33 -16.50 -16.02
C LYS A 57 19.00 -17.27 -15.99
N GLY A 58 17.92 -16.56 -16.30
CA GLY A 58 16.59 -17.13 -16.32
C GLY A 58 15.92 -17.35 -14.98
N LYS A 59 16.47 -16.82 -13.88
CA LYS A 59 15.95 -17.03 -12.54
C LYS A 59 15.44 -15.71 -11.97
N GLN A 60 14.26 -15.72 -11.37
CA GLN A 60 13.71 -14.48 -10.86
C GLN A 60 14.41 -14.04 -9.57
N LEU A 61 14.84 -12.78 -9.53
CA LEU A 61 15.32 -12.14 -8.31
C LEU A 61 14.28 -11.13 -7.85
N LYS A 62 13.92 -11.19 -6.59
CA LYS A 62 13.00 -10.23 -5.99
C LYS A 62 13.69 -9.55 -4.80
N THR A 63 13.33 -8.29 -4.53
CA THR A 63 14.01 -7.49 -3.52
C THR A 63 13.03 -6.74 -2.64
N PHE A 64 13.14 -6.95 -1.31
CA PHE A 64 12.24 -6.30 -0.36
C PHE A 64 13.03 -5.69 0.78
N PHE A 65 12.52 -4.60 1.33
CA PHE A 65 13.16 -3.87 2.42
C PHE A 65 12.37 -4.06 3.70
N LEU A 66 13.06 -4.48 4.76
CA LEU A 66 12.47 -4.74 6.07
C LEU A 66 12.49 -3.44 6.88
N LEU A 67 11.33 -3.02 7.40
CA LEU A 67 11.26 -1.82 8.22
C LEU A 67 10.36 -2.08 9.41
N GLY A 68 10.68 -1.47 10.54
CA GLY A 68 9.74 -1.36 11.62
C GLY A 68 9.04 -0.02 11.59
N THR A 69 8.70 0.47 12.77
CA THR A 69 8.05 1.76 12.91
C THR A 69 8.95 2.67 13.74
N THR A 70 8.58 3.94 13.76
CA THR A 70 9.37 4.95 14.43
C THR A 70 8.45 5.94 15.12
N SER A 71 9.02 6.65 16.09
CA SER A 71 8.23 7.67 16.76
C SER A 71 8.03 8.90 15.89
N SER A 72 9.03 9.24 15.08
CA SER A 72 8.96 10.40 14.20
C SER A 72 7.79 10.35 13.23
N ALA A 73 6.86 11.30 13.35
CA ALA A 73 5.74 11.37 12.41
C ALA A 73 6.23 11.67 10.99
N ALA A 74 7.28 12.47 10.87
CA ALA A 74 7.86 12.78 9.56
C ALA A 74 8.37 11.51 8.88
N GLU A 75 9.20 10.74 9.59
CA GLU A 75 9.73 9.51 9.01
C GLU A 75 8.60 8.55 8.65
N THR A 76 7.58 8.48 9.51
CA THR A 76 6.45 7.59 9.25
C THR A 76 5.81 7.96 7.91
N LYS A 77 5.60 9.25 7.67
CA LYS A 77 5.00 9.72 6.42
C LYS A 77 5.92 9.45 5.23
N GLU A 78 7.21 9.72 5.39
CA GLU A 78 8.19 9.41 4.34
C GLU A 78 8.03 7.97 3.89
N VAL A 79 8.04 7.03 4.84
CA VAL A 79 8.01 5.59 4.52
C VAL A 79 6.66 5.18 3.95
N ASP A 80 5.57 5.74 4.46
CA ASP A 80 4.27 5.47 3.84
C ASP A 80 4.27 5.83 2.36
N GLN A 81 4.79 7.03 2.04
CA GLN A 81 4.89 7.43 0.64
C GLN A 81 5.84 6.52 -0.14
N GLU A 82 6.99 6.18 0.46
CA GLU A 82 7.95 5.31 -0.21
C GLU A 82 7.33 3.96 -0.56
N SER A 83 6.59 3.39 0.40
CA SER A 83 5.88 2.14 0.17
C SER A 83 4.87 2.24 -0.97
N GLN A 84 4.07 3.30 -0.99
CA GLN A 84 3.15 3.51 -2.10
C GLN A 84 3.90 3.60 -3.44
N ARG A 85 5.01 4.35 -3.46
CA ARG A 85 5.76 4.54 -4.68
C ARG A 85 6.44 3.24 -5.17
N HIS A 86 6.97 2.42 -4.25
CA HIS A 86 7.78 1.27 -4.66
C HIS A 86 7.16 -0.09 -4.38
N GLY A 87 6.23 -0.20 -3.44
CA GLY A 87 5.58 -1.48 -3.20
C GLY A 87 6.47 -2.64 -2.76
N ASP A 88 7.67 -2.37 -2.25
CA ASP A 88 8.62 -3.42 -1.91
C ASP A 88 9.02 -3.42 -0.44
N ILE A 89 8.19 -2.89 0.45
CA ILE A 89 8.50 -2.78 1.87
C ILE A 89 7.68 -3.78 2.67
N ILE A 90 8.37 -4.52 3.54
CA ILE A 90 7.78 -5.40 4.53
C ILE A 90 7.87 -4.70 5.88
N GLN A 91 6.74 -4.52 6.57
CA GLN A 91 6.76 -3.72 7.79
C GLN A 91 5.85 -4.32 8.85
N LYS A 92 6.32 -4.28 10.10
CA LYS A 92 5.52 -4.65 11.26
C LYS A 92 5.74 -3.58 12.33
N ASP A 93 4.86 -3.56 13.33
CA ASP A 93 4.88 -2.48 14.32
C ASP A 93 5.81 -2.84 15.46
N PHE A 94 7.10 -2.56 15.28
CA PHE A 94 8.08 -2.67 16.35
C PHE A 94 9.05 -1.50 16.20
N LEU A 95 9.51 -0.97 17.33
CA LEU A 95 10.43 0.17 17.28
C LEU A 95 11.71 -0.20 16.52
N ASP A 96 11.94 0.44 15.37
CA ASP A 96 13.05 0.13 14.48
C ASP A 96 14.33 0.79 15.01
N VAL A 97 15.08 0.06 15.84
CA VAL A 97 16.36 0.50 16.42
C VAL A 97 17.36 -0.66 16.33
N TYR A 98 18.65 -0.32 16.40
CA TYR A 98 19.70 -1.33 16.28
C TYR A 98 19.42 -2.56 17.15
N TYR A 99 19.09 -2.35 18.42
CA TYR A 99 18.91 -3.47 19.34
C TYR A 99 17.53 -4.13 19.18
N ASN A 100 16.78 -3.80 18.12
CA ASN A 100 15.62 -4.59 17.73
C ASN A 100 15.83 -5.32 16.41
N LEU A 101 17.07 -5.38 15.92
CA LEU A 101 17.30 -6.10 14.67
C LEU A 101 16.81 -7.55 14.72
N THR A 102 16.81 -8.20 15.89
CA THR A 102 16.31 -9.58 15.92
C THR A 102 14.85 -9.65 15.47
N LEU A 103 14.01 -8.74 15.96
CA LEU A 103 12.62 -8.67 15.49
C LEU A 103 12.56 -8.41 14.00
N LYS A 104 13.40 -7.49 13.51
CA LYS A 104 13.38 -7.21 12.08
C LYS A 104 13.69 -8.47 11.29
N THR A 105 14.75 -9.18 11.69
CA THR A 105 15.08 -10.40 10.96
C THR A 105 13.93 -11.39 11.05
N MET A 106 13.33 -11.53 12.23
CA MET A 106 12.27 -12.53 12.35
C MET A 106 11.07 -12.10 11.53
N MET A 107 10.86 -10.78 11.40
CA MET A 107 9.80 -10.31 10.50
C MET A 107 10.03 -10.81 9.08
N GLY A 108 11.25 -10.61 8.56
CA GLY A 108 11.55 -11.10 7.24
C GLY A 108 11.34 -12.59 7.13
N ILE A 109 11.81 -13.34 8.12
CA ILE A 109 11.68 -14.79 8.01
C ILE A 109 10.22 -15.17 8.08
N GLU A 110 9.46 -14.50 8.96
CA GLU A 110 8.02 -14.77 9.02
C GLU A 110 7.38 -14.47 7.67
N TRP A 111 7.83 -13.39 7.00
CA TRP A 111 7.20 -13.07 5.73
C TRP A 111 7.44 -14.19 4.72
N VAL A 112 8.69 -14.67 4.64
CA VAL A 112 8.96 -15.75 3.70
C VAL A 112 8.04 -16.91 4.03
N HIS A 113 7.88 -17.19 5.33
CA HIS A 113 7.10 -18.34 5.73
C HIS A 113 5.66 -18.19 5.31
N ARG A 114 5.10 -16.99 5.51
CA ARG A 114 3.67 -16.83 5.35
C ARG A 114 3.28 -16.52 3.91
N PHE A 115 4.16 -15.87 3.16
CA PHE A 115 3.81 -15.35 1.85
C PHE A 115 4.71 -15.77 0.72
N CYS A 116 5.80 -16.46 1.00
CA CYS A 116 6.68 -16.81 -0.10
C CYS A 116 7.47 -18.05 0.24
N PRO A 117 6.81 -19.10 0.76
CA PRO A 117 7.54 -20.33 1.05
C PRO A 117 8.04 -21.00 -0.22
N GLN A 118 7.61 -20.55 -1.40
CA GLN A 118 8.08 -21.07 -2.68
C GLN A 118 9.44 -20.54 -3.08
N ALA A 119 9.96 -19.51 -2.42
CA ALA A 119 11.31 -19.03 -2.75
C ALA A 119 12.30 -20.17 -2.66
N ALA A 120 13.12 -20.32 -3.71
CA ALA A 120 14.19 -21.32 -3.62
C ALA A 120 15.26 -20.89 -2.63
N PHE A 121 15.68 -19.63 -2.67
CA PHE A 121 16.71 -19.14 -1.75
C PHE A 121 16.33 -17.75 -1.26
N VAL A 122 16.77 -17.44 -0.04
CA VAL A 122 16.56 -16.15 0.58
C VAL A 122 17.90 -15.65 1.10
N MET A 123 18.21 -14.39 0.82
CA MET A 123 19.38 -13.76 1.41
C MET A 123 18.92 -12.66 2.34
N LYS A 124 19.29 -12.74 3.61
CA LYS A 124 19.12 -11.62 4.52
C LYS A 124 20.39 -10.77 4.45
N THR A 125 20.23 -9.47 4.17
CA THR A 125 21.42 -8.63 4.04
C THR A 125 21.15 -7.22 4.56
N ASP A 126 22.21 -6.42 4.62
CA ASP A 126 22.21 -5.10 5.20
C ASP A 126 22.40 -4.02 4.14
N SER A 127 22.26 -2.77 4.55
CA SER A 127 22.20 -1.66 3.60
C SER A 127 23.57 -1.08 3.28
N ASP A 128 24.63 -1.50 4.00
CA ASP A 128 25.98 -1.02 3.78
C ASP A 128 26.80 -2.05 3.00
N MET A 129 26.20 -2.66 1.96
CA MET A 129 26.74 -3.85 1.31
C MET A 129 26.80 -3.68 -0.20
N PHE A 130 27.77 -4.37 -0.80
CA PHE A 130 27.74 -4.71 -2.20
C PHE A 130 27.44 -6.21 -2.30
N ILE A 131 26.42 -6.56 -3.08
CA ILE A 131 26.03 -7.98 -3.33
C ILE A 131 26.14 -8.28 -4.83
N ASN A 132 26.84 -9.35 -5.16
CA ASN A 132 26.93 -9.78 -6.55
C ASN A 132 25.94 -10.93 -6.73
N VAL A 133 24.74 -10.58 -7.18
CA VAL A 133 23.67 -11.57 -7.34
C VAL A 133 23.96 -12.53 -8.49
N ASP A 134 24.61 -12.04 -9.55
CA ASP A 134 24.96 -12.92 -10.66
C ASP A 134 25.86 -14.05 -10.20
N TYR A 135 26.92 -13.73 -9.45
CA TYR A 135 27.84 -14.78 -9.02
C TYR A 135 27.23 -15.64 -7.91
N LEU A 136 26.45 -15.02 -7.02
CA LEU A 136 25.76 -15.81 -6.00
C LEU A 136 24.82 -16.84 -6.63
N THR A 137 24.06 -16.41 -7.64
CA THR A 137 23.15 -17.32 -8.34
C THR A 137 23.91 -18.45 -9.02
N GLU A 138 25.00 -18.12 -9.73
CA GLU A 138 25.86 -19.15 -10.31
C GLU A 138 26.32 -20.15 -9.25
N LEU A 139 26.75 -19.66 -8.08
CA LEU A 139 27.25 -20.58 -7.07
C LEU A 139 26.13 -21.42 -6.47
N LEU A 140 24.91 -20.86 -6.36
CA LEU A 140 23.79 -21.61 -5.82
C LEU A 140 23.33 -22.69 -6.81
N LEU A 141 23.28 -22.37 -8.11
CA LEU A 141 22.97 -23.36 -9.13
C LEU A 141 24.01 -24.47 -9.16
N LYS A 142 25.20 -24.23 -8.63
CA LYS A 142 26.20 -25.30 -8.60
C LYS A 142 26.21 -26.09 -7.29
N LYS A 143 25.46 -25.68 -6.27
CA LYS A 143 25.64 -26.34 -4.94
C LYS A 143 24.84 -27.64 -4.85
N ASN A 144 23.80 -27.80 -5.65
CA ASN A 144 22.93 -29.02 -5.60
C ASN A 144 22.32 -29.13 -4.20
N ARG A 145 22.52 -28.12 -3.34
CA ARG A 145 21.89 -28.12 -2.00
C ARG A 145 20.65 -27.21 -2.02
N THR A 146 19.46 -27.83 -1.99
CA THR A 146 18.18 -27.17 -2.14
C THR A 146 17.32 -27.17 -0.88
N THR A 147 17.76 -27.86 0.16
CA THR A 147 16.98 -28.00 1.38
C THR A 147 17.89 -27.92 2.59
N ARG A 148 17.36 -27.41 3.70
CA ARG A 148 18.13 -27.28 4.95
C ARG A 148 19.53 -26.71 4.68
N PHE A 149 19.60 -25.67 3.87
CA PHE A 149 20.86 -25.07 3.45
C PHE A 149 21.00 -23.67 4.03
N PHE A 150 22.18 -23.38 4.59
CA PHE A 150 22.48 -22.08 5.19
C PHE A 150 23.96 -21.78 5.06
N THR A 151 24.29 -20.60 4.53
CA THR A 151 25.66 -20.28 4.19
C THR A 151 25.88 -18.79 4.35
N GLY A 152 27.14 -18.40 4.26
CA GLY A 152 27.58 -17.02 4.41
C GLY A 152 29.03 -17.01 4.82
N PHE A 153 29.40 -16.00 5.61
CA PHE A 153 30.70 -15.96 6.26
C PHE A 153 30.51 -16.67 7.61
N LEU A 154 31.11 -17.86 7.75
CA LEU A 154 30.88 -18.69 8.94
C LEU A 154 31.71 -18.19 10.12
N LYS A 155 31.06 -18.06 11.28
CA LYS A 155 31.71 -17.66 12.54
C LYS A 155 31.53 -18.81 13.53
N LEU A 156 32.55 -19.63 13.72
CA LEU A 156 32.31 -20.93 14.35
C LEU A 156 32.65 -21.02 15.83
N ASN A 157 33.59 -20.24 16.33
CA ASN A 157 33.91 -20.35 17.78
C ASN A 157 33.98 -18.97 18.40
N GLU A 158 32.94 -18.15 18.15
CA GLU A 158 33.00 -16.76 18.56
C GLU A 158 32.73 -16.62 20.04
N PHE A 159 33.40 -15.63 20.63
CA PHE A 159 33.10 -15.38 22.03
C PHE A 159 32.27 -14.11 22.15
N PRO A 160 31.31 -14.09 23.05
CA PRO A 160 30.53 -12.88 23.27
C PRO A 160 31.42 -11.75 23.74
N ILE A 161 31.07 -10.54 23.33
CA ILE A 161 31.85 -9.36 23.67
C ILE A 161 31.36 -8.85 25.02
N ARG A 162 32.26 -8.77 25.99
CA ARG A 162 31.86 -8.33 27.36
C ARG A 162 32.38 -6.92 27.65
N GLN A 163 33.05 -6.27 26.69
CA GLN A 163 33.47 -4.84 26.90
C GLN A 163 32.15 -4.06 26.97
N PRO A 164 31.80 -3.44 28.07
CA PRO A 164 30.40 -2.97 28.29
C PRO A 164 29.96 -1.79 27.43
N PHE A 165 30.87 -1.06 26.83
CA PHE A 165 30.46 0.03 25.95
C PHE A 165 30.58 -0.31 24.47
N SER A 166 30.91 -1.56 24.15
CA SER A 166 30.99 -2.01 22.78
C SER A 166 29.61 -2.05 22.14
N LYS A 167 29.57 -1.75 20.85
CA LYS A 167 28.30 -1.87 20.12
C LYS A 167 27.73 -3.29 20.20
N TRP A 168 28.59 -4.29 20.27
CA TRP A 168 28.10 -5.69 20.33
CA TRP A 168 28.13 -5.69 20.34
C TRP A 168 28.15 -6.38 21.76
N PHE A 169 28.27 -5.52 22.77
CA PHE A 169 28.33 -6.01 24.13
C PHE A 169 27.03 -6.73 24.48
N VAL A 170 27.16 -7.87 25.13
CA VAL A 170 26.03 -8.56 25.74
C VAL A 170 26.46 -8.95 27.14
N SER A 171 25.65 -8.60 28.12
CA SER A 171 25.93 -8.94 29.50
C SER A 171 25.81 -10.46 29.69
N LYS A 172 26.27 -10.90 30.86
CA LYS A 172 26.14 -12.32 31.18
C LYS A 172 24.67 -12.69 31.39
N SER A 173 23.84 -11.74 31.80
CA SER A 173 22.41 -12.05 31.88
CA SER A 173 22.40 -12.04 31.88
C SER A 173 21.78 -12.13 30.49
N GLU A 174 22.26 -11.33 29.53
CA GLU A 174 21.71 -11.40 28.18
C GLU A 174 22.13 -12.68 27.47
N TYR A 175 23.37 -13.11 27.66
CA TYR A 175 23.87 -14.35 27.06
C TYR A 175 24.87 -14.95 28.03
N PRO A 176 24.50 -15.98 28.77
CA PRO A 176 25.28 -16.39 29.93
C PRO A 176 26.42 -17.37 29.68
N TRP A 177 26.68 -17.80 28.45
CA TRP A 177 27.67 -18.84 28.19
C TRP A 177 28.93 -18.27 27.53
N ASP A 178 29.98 -19.11 27.51
CA ASP A 178 31.32 -18.65 27.12
C ASP A 178 31.50 -18.48 25.62
N ARG A 179 30.75 -19.22 24.81
CA ARG A 179 30.86 -19.23 23.36
C ARG A 179 29.48 -19.13 22.73
N TYR A 180 29.44 -18.52 21.54
CA TYR A 180 28.22 -18.43 20.75
C TYR A 180 28.05 -19.73 19.98
N PRO A 181 26.83 -20.05 19.58
CA PRO A 181 26.66 -21.16 18.65
C PRO A 181 27.34 -20.80 17.34
N PRO A 182 27.52 -21.75 16.44
CA PRO A 182 27.95 -21.40 15.08
C PRO A 182 26.92 -20.47 14.46
N PHE A 183 27.40 -19.46 13.76
CA PHE A 183 26.47 -18.57 13.05
C PHE A 183 27.20 -17.90 11.89
N CYS A 184 26.45 -17.25 11.03
CA CYS A 184 27.05 -16.49 9.91
C CYS A 184 26.87 -14.97 10.11
N SER A 185 27.84 -14.17 9.65
CA SER A 185 27.73 -12.69 9.77
C SER A 185 26.36 -12.21 9.25
N GLY A 186 25.67 -11.38 10.01
CA GLY A 186 24.41 -10.77 9.55
C GLY A 186 24.59 -9.85 8.35
N THR A 187 25.83 -9.47 8.06
CA THR A 187 26.10 -8.61 6.89
C THR A 187 25.43 -9.17 5.64
N GLY A 188 25.42 -10.49 5.50
CA GLY A 188 24.75 -11.15 4.36
C GLY A 188 24.84 -12.65 4.49
N TYR A 189 23.69 -13.30 4.74
CA TYR A 189 23.65 -14.78 4.81
C TYR A 189 22.56 -15.28 3.87
N VAL A 190 22.69 -16.55 3.49
CA VAL A 190 21.76 -17.12 2.46
C VAL A 190 21.30 -18.51 2.91
N PHE A 191 20.04 -18.81 2.62
CA PHE A 191 19.44 -20.08 3.04
C PHE A 191 18.34 -20.53 2.07
N SER A 192 18.15 -21.84 1.98
CA SER A 192 17.04 -22.40 1.18
C SER A 192 15.71 -21.94 1.81
N GLY A 193 14.70 -21.61 1.00
CA GLY A 193 13.43 -21.07 1.51
C GLY A 193 12.78 -21.88 2.65
N ASP A 194 12.91 -23.20 2.63
CA ASP A 194 12.34 -24.08 3.69
C ASP A 194 12.86 -23.70 5.09
N VAL A 195 14.13 -23.33 5.17
CA VAL A 195 14.74 -22.94 6.47
C VAL A 195 13.89 -21.85 7.15
N ALA A 196 13.33 -20.92 6.38
CA ALA A 196 12.51 -19.82 6.95
C ALA A 196 11.41 -20.38 7.86
N SER A 197 10.65 -21.36 7.36
CA SER A 197 9.52 -21.92 8.14
C SER A 197 10.08 -22.62 9.39
N GLN A 198 11.17 -23.35 9.25
CA GLN A 198 11.78 -24.06 10.38
C GLN A 198 12.18 -23.05 11.47
N VAL A 199 12.87 -21.98 11.08
CA VAL A 199 13.37 -20.99 12.08
C VAL A 199 12.16 -20.31 12.73
N TYR A 200 11.17 -19.92 11.93
CA TYR A 200 9.97 -19.26 12.48
C TYR A 200 9.36 -20.19 13.52
N ASN A 201 9.32 -21.47 13.18
CA ASN A 201 8.63 -22.44 14.07
C ASN A 201 9.36 -22.61 15.42
N VAL A 202 10.68 -22.65 15.43
CA VAL A 202 11.43 -22.91 16.69
C VAL A 202 11.73 -21.59 17.40
N SER A 203 11.59 -20.46 16.71
CA SER A 203 11.96 -19.12 17.22
C SER A 203 11.51 -18.85 18.66
N LYS A 204 10.24 -19.09 18.98
CA LYS A 204 9.71 -18.76 20.31
C LYS A 204 10.27 -19.70 21.40
N SER A 205 10.92 -20.77 21.01
CA SER A 205 11.44 -21.77 21.98
C SER A 205 12.94 -21.53 22.26
N VAL A 206 13.59 -20.68 21.47
CA VAL A 206 15.05 -20.50 21.60
C VAL A 206 15.34 -19.25 22.43
N PRO A 207 16.38 -19.31 23.29
CA PRO A 207 16.75 -18.14 24.08
C PRO A 207 16.96 -16.89 23.18
N TYR A 208 16.27 -15.82 23.56
CA TYR A 208 16.38 -14.54 22.82
C TYR A 208 17.76 -13.91 22.96
N ILE A 209 18.23 -13.27 21.90
CA ILE A 209 19.49 -12.47 21.96
C ILE A 209 19.31 -11.29 20.98
N LYS A 210 19.77 -10.11 21.37
CA LYS A 210 19.58 -8.88 20.57
C LYS A 210 20.43 -8.85 19.28
N LEU A 211 21.42 -9.71 19.17
CA LEU A 211 22.20 -9.84 17.91
C LEU A 211 21.47 -10.83 16.98
N GLU A 212 20.90 -10.35 15.89
CA GLU A 212 20.04 -11.18 14.99
C GLU A 212 20.77 -12.40 14.41
N ASP A 213 22.00 -12.21 13.92
CA ASP A 213 22.79 -13.34 13.34
C ASP A 213 23.04 -14.42 14.40
N VAL A 214 23.38 -14.03 15.62
CA VAL A 214 23.57 -15.04 16.70
C VAL A 214 22.22 -15.76 16.93
N PHE A 215 21.15 -15.00 17.03
CA PHE A 215 19.81 -15.60 17.31
C PHE A 215 19.47 -16.67 16.23
N VAL A 216 19.64 -16.34 14.95
CA VAL A 216 19.41 -17.33 13.85
C VAL A 216 20.34 -18.53 14.07
N GLY A 217 21.59 -18.29 14.46
CA GLY A 217 22.53 -19.38 14.78
C GLY A 217 21.93 -20.30 15.85
N LEU A 218 21.37 -19.71 16.91
CA LEU A 218 20.70 -20.51 17.97
C LEU A 218 19.56 -21.35 17.36
N CYS A 219 18.73 -20.72 16.56
CA CYS A 219 17.60 -21.41 15.89
C CYS A 219 18.13 -22.57 15.02
N LEU A 220 19.14 -22.30 14.21
CA LEU A 220 19.68 -23.33 13.32
C LEU A 220 20.26 -24.51 14.10
N GLU A 221 20.98 -24.20 15.18
CA GLU A 221 21.51 -25.25 16.05
C GLU A 221 20.40 -26.11 16.64
N ARG A 222 19.32 -25.48 17.09
CA ARG A 222 18.18 -26.26 17.60
C ARG A 222 17.61 -27.16 16.53
N LEU A 223 17.71 -26.75 15.27
CA LEU A 223 17.16 -27.50 14.15
C LEU A 223 18.12 -28.54 13.60
N ASN A 224 19.34 -28.63 14.14
CA ASN A 224 20.37 -29.53 13.64
C ASN A 224 20.75 -29.24 12.18
N ILE A 225 20.66 -27.98 11.79
CA ILE A 225 21.08 -27.51 10.46
C ILE A 225 22.51 -27.00 10.57
N ARG A 226 23.44 -27.68 9.90
CA ARG A 226 24.85 -27.29 9.93
C ARG A 226 25.16 -26.20 8.90
N LEU A 227 26.01 -25.27 9.30
CA LEU A 227 26.47 -24.22 8.38
C LEU A 227 27.40 -24.82 7.32
N GLU A 228 27.31 -24.33 6.09
CA GLU A 228 28.15 -24.79 4.98
C GLU A 228 28.80 -23.62 4.23
N GLU A 229 30.05 -23.81 3.81
CA GLU A 229 30.70 -22.83 2.95
C GLU A 229 30.07 -22.86 1.58
N LEU A 230 29.91 -21.68 0.97
CA LEU A 230 29.20 -21.66 -0.32
C LEU A 230 30.09 -22.18 -1.43
N HIS A 231 31.40 -21.98 -1.30
CA HIS A 231 32.31 -22.24 -2.40
C HIS A 231 33.68 -22.60 -1.81
N SER A 232 34.56 -23.15 -2.64
CA SER A 232 35.89 -23.52 -2.17
C SER A 232 36.72 -22.29 -1.83
N GLN A 233 36.36 -21.13 -2.38
CA GLN A 233 37.04 -19.89 -2.09
C GLN A 233 36.11 -18.97 -1.28
N PRO A 234 36.67 -18.12 -0.42
CA PRO A 234 35.81 -17.18 0.32
C PRO A 234 35.03 -16.31 -0.64
N THR A 235 33.77 -16.07 -0.29
CA THR A 235 32.90 -15.23 -1.09
C THR A 235 32.13 -14.17 -0.32
N PHE A 236 32.08 -14.25 1.01
CA PHE A 236 31.44 -13.25 1.88
C PHE A 236 32.52 -12.53 2.68
N PHE A 237 32.48 -11.21 2.68
CA PHE A 237 33.56 -10.42 3.30
C PHE A 237 33.05 -9.37 4.26
N PRO A 238 32.72 -9.76 5.49
CA PRO A 238 32.32 -8.78 6.51
C PRO A 238 33.41 -7.77 6.86
N GLY A 239 34.69 -8.09 6.64
CA GLY A 239 35.76 -7.14 6.88
C GLY A 239 35.95 -6.07 5.80
N GLY A 240 35.24 -6.19 4.69
CA GLY A 240 35.42 -5.25 3.60
C GLY A 240 36.58 -5.70 2.71
N LEU A 241 36.74 -5.00 1.59
CA LEU A 241 37.76 -5.40 0.60
C LEU A 241 38.30 -4.21 -0.20
N ARG A 242 39.54 -4.33 -0.66
CA ARG A 242 40.06 -3.33 -1.61
C ARG A 242 39.32 -3.59 -2.93
N PHE A 243 38.77 -2.55 -3.52
CA PHE A 243 37.94 -2.75 -4.73
C PHE A 243 38.73 -3.04 -5.99
N SER A 244 38.24 -3.96 -6.80
CA SER A 244 38.77 -4.25 -8.15
C SER A 244 37.62 -4.92 -8.91
N VAL A 245 37.43 -4.53 -10.17
CA VAL A 245 36.38 -5.17 -11.01
C VAL A 245 36.56 -6.69 -10.98
N CYS A 246 37.78 -7.14 -11.24
CA CYS A 246 37.99 -8.60 -11.35
C CYS A 246 37.70 -9.27 -9.99
N LEU A 247 38.11 -8.64 -8.91
CA LEU A 247 37.75 -9.26 -7.64
C LEU A 247 36.24 -9.23 -7.41
N PHE A 248 35.57 -8.11 -7.69
CA PHE A 248 34.15 -8.05 -7.34
C PHE A 248 33.28 -8.88 -8.27
N ARG A 249 33.79 -9.28 -9.42
CA ARG A 249 33.07 -10.25 -10.22
C ARG A 249 33.07 -11.65 -9.60
N ARG A 250 33.94 -11.93 -8.64
CA ARG A 250 34.05 -13.29 -8.13
C ARG A 250 33.87 -13.31 -6.60
N ILE A 251 33.01 -12.45 -6.07
CA ILE A 251 32.63 -12.50 -4.66
C ILE A 251 31.11 -12.41 -4.61
N VAL A 252 30.53 -12.73 -3.46
CA VAL A 252 29.09 -12.60 -3.26
C VAL A 252 28.72 -11.33 -2.49
N ALA A 253 29.43 -11.04 -1.40
CA ALA A 253 29.05 -9.95 -0.50
C ALA A 253 30.29 -9.28 0.07
N CYS A 254 30.24 -7.93 0.13
CA CYS A 254 31.28 -7.09 0.71
C CYS A 254 30.65 -5.97 1.55
N HIS A 255 31.13 -5.83 2.78
CA HIS A 255 30.61 -4.92 3.80
C HIS A 255 31.39 -3.60 3.75
N PHE A 256 30.95 -2.62 4.54
CA PHE A 256 31.60 -1.30 4.64
C PHE A 256 31.48 -0.49 3.36
N ILE A 257 30.32 -0.49 2.71
CA ILE A 257 30.09 0.20 1.43
CA ILE A 257 30.14 0.23 1.46
C ILE A 257 29.00 1.23 1.64
N LYS A 258 29.34 2.51 1.62
CA LYS A 258 28.33 3.55 1.72
C LYS A 258 27.64 3.75 0.36
N PRO A 259 26.50 4.43 0.33
CA PRO A 259 25.73 4.54 -0.92
C PRO A 259 26.49 5.10 -2.11
N ARG A 260 27.18 6.22 -1.92
CA ARG A 260 27.95 6.78 -3.03
C ARG A 260 28.92 5.76 -3.58
N THR A 261 29.64 5.09 -2.69
CA THR A 261 30.57 4.05 -3.11
C THR A 261 29.86 2.92 -3.85
N LEU A 262 28.72 2.47 -3.35
CA LEU A 262 27.97 1.42 -4.04
C LEU A 262 27.65 1.84 -5.47
N LEU A 263 27.14 3.07 -5.66
CA LEU A 263 26.82 3.53 -7.01
C LEU A 263 28.06 3.57 -7.89
N ASP A 264 29.21 4.00 -7.33
CA ASP A 264 30.45 4.02 -8.11
C ASP A 264 30.91 2.62 -8.50
N TYR A 265 30.80 1.67 -7.57
CA TYR A 265 31.21 0.30 -7.87
C TYR A 265 30.30 -0.30 -8.94
N TRP A 266 29.00 -0.05 -8.82
CA TRP A 266 28.07 -0.56 -9.82
C TRP A 266 28.40 -0.03 -11.20
N GLN A 267 28.67 1.28 -11.29
CA GLN A 267 29.06 1.90 -12.54
C GLN A 267 30.37 1.32 -13.07
N ALA A 268 31.31 1.05 -12.18
CA ALA A 268 32.56 0.41 -12.60
C ALA A 268 32.28 -0.91 -13.30
N LEU A 269 31.40 -1.72 -12.70
CA LEU A 269 31.09 -3.03 -13.28
C LEU A 269 30.36 -2.88 -14.62
N GLU A 270 29.44 -1.94 -14.72
CA GLU A 270 28.80 -1.67 -16.02
C GLU A 270 29.85 -1.16 -17.04
N ASN A 271 30.72 -0.22 -16.66
CA ASN A 271 31.67 0.33 -17.62
C ASN A 271 32.61 -0.74 -18.16
N SER A 272 32.87 -1.76 -17.35
CA SER A 272 33.86 -2.82 -17.68
C SER A 272 33.20 -4.14 -18.15
N ARG A 273 31.90 -4.14 -18.30
CA ARG A 273 31.18 -5.38 -18.70
C ARG A 273 31.82 -5.91 -19.98
N GLY A 274 32.14 -7.19 -20.02
CA GLY A 274 32.69 -7.67 -21.27
C GLY A 274 34.14 -7.35 -21.52
N GLU A 275 34.93 -7.15 -20.48
CA GLU A 275 36.36 -7.38 -20.55
C GLU A 275 36.67 -8.72 -19.90
N ASP A 276 37.87 -9.17 -20.17
CA ASP A 276 38.24 -10.49 -19.61
C ASP A 276 39.02 -10.22 -18.33
N CYS A 277 38.87 -11.14 -17.39
CA CYS A 277 39.63 -11.02 -16.13
C CYS A 277 40.54 -12.25 -16.08
N PRO A 278 41.79 -12.13 -15.62
CA PRO A 278 42.59 -13.33 -15.44
C PRO A 278 41.80 -14.21 -14.49
N ASN B 13 -26.80 10.57 16.98
CA ASN B 13 -27.06 10.72 15.56
C ASN B 13 -25.91 11.48 14.89
N PHE B 14 -26.23 12.66 14.34
CA PHE B 14 -25.24 13.42 13.56
C PHE B 14 -24.48 14.43 14.41
N LEU B 15 -23.16 14.49 14.20
CA LEU B 15 -22.30 15.43 14.90
C LEU B 15 -22.30 16.81 14.25
N LYS B 16 -22.40 16.88 12.93
CA LYS B 16 -22.51 18.13 12.20
C LYS B 16 -23.54 17.93 11.09
N LEU B 17 -24.41 18.92 10.91
CA LEU B 17 -25.48 18.81 9.93
C LEU B 17 -25.51 20.06 9.07
N PRO B 18 -25.57 19.91 7.75
CA PRO B 18 -25.67 21.10 6.90
C PRO B 18 -27.00 21.80 7.17
N ASP B 19 -26.93 23.13 7.15
CA ASP B 19 -28.07 24.01 7.37
C ASP B 19 -28.88 24.13 6.08
N THR B 20 -29.82 23.20 5.89
CA THR B 20 -30.57 23.14 4.64
C THR B 20 -32.03 22.78 4.91
N ASP B 21 -32.88 23.11 3.95
CA ASP B 21 -34.31 22.85 4.04
C ASP B 21 -34.72 22.29 2.69
N CYS B 22 -34.55 20.98 2.52
CA CYS B 22 -34.90 20.37 1.25
C CYS B 22 -36.40 20.34 1.01
N ARG B 23 -37.20 20.40 2.07
CA ARG B 23 -38.66 20.39 1.91
C ARG B 23 -39.15 21.72 1.34
N GLN B 24 -38.56 22.84 1.77
CA GLN B 24 -38.89 24.15 1.20
C GLN B 24 -38.35 24.27 -0.22
N THR B 25 -37.04 24.04 -0.40
CA THR B 25 -36.40 24.05 -1.71
C THR B 25 -35.93 22.65 -2.07
N PRO B 26 -36.77 21.82 -2.67
CA PRO B 26 -36.32 20.49 -3.11
C PRO B 26 -35.19 20.61 -4.11
N PRO B 27 -34.02 20.06 -3.81
CA PRO B 27 -32.91 20.11 -4.77
C PRO B 27 -33.13 19.15 -5.93
N PHE B 28 -32.55 19.51 -7.08
CA PHE B 28 -32.57 18.58 -8.20
C PHE B 28 -31.44 17.56 -8.09
N LEU B 29 -30.25 18.02 -7.73
CA LEU B 29 -29.11 17.13 -7.64
C LEU B 29 -28.37 17.42 -6.35
N VAL B 30 -28.12 16.39 -5.55
CA VAL B 30 -27.34 16.50 -4.33
C VAL B 30 -26.06 15.72 -4.53
N LEU B 31 -24.92 16.37 -4.29
CA LEU B 31 -23.61 15.73 -4.32
C LEU B 31 -23.15 15.44 -2.90
N LEU B 32 -22.75 14.20 -2.63
CA LEU B 32 -22.15 13.79 -1.37
C LEU B 32 -20.72 13.38 -1.65
N VAL B 33 -19.75 14.16 -1.16
CA VAL B 33 -18.34 14.01 -1.50
C VAL B 33 -17.57 13.46 -0.32
N THR B 34 -16.86 12.35 -0.53
CA THR B 34 -15.98 11.79 0.50
C THR B 34 -14.59 12.42 0.42
N SER B 35 -14.00 12.66 1.60
CA SER B 35 -12.62 13.15 1.75
C SER B 35 -12.14 12.91 3.18
N SER B 36 -10.82 12.78 3.35
CA SER B 36 -10.20 12.67 4.67
C SER B 36 -10.05 14.03 5.32
N HIS B 37 -9.80 13.99 6.64
CA HIS B 37 -9.66 15.23 7.40
C HIS B 37 -8.53 16.09 6.84
N LYS B 38 -7.40 15.47 6.52
CA LYS B 38 -6.25 16.25 6.06
C LYS B 38 -6.43 16.80 4.65
N GLN B 39 -7.44 16.34 3.91
CA GLN B 39 -7.58 16.69 2.49
C GLN B 39 -8.32 17.99 2.29
N LEU B 40 -7.91 19.02 3.02
CA LEU B 40 -8.54 20.32 2.92
C LEU B 40 -8.39 20.91 1.51
N ALA B 41 -7.23 20.71 0.89
CA ALA B 41 -7.00 21.23 -0.45
C ALA B 41 -8.02 20.68 -1.43
N GLU B 42 -8.29 19.37 -1.37
CA GLU B 42 -9.31 18.78 -2.24
C GLU B 42 -10.67 19.45 -2.04
N ARG B 43 -11.11 19.57 -0.79
CA ARG B 43 -12.44 20.12 -0.54
C ARG B 43 -12.52 21.55 -1.05
N MET B 44 -11.46 22.33 -0.86
CA MET B 44 -11.48 23.70 -1.37
C MET B 44 -11.52 23.71 -2.90
N ALA B 45 -10.72 22.86 -3.54
CA ALA B 45 -10.73 22.79 -4.99
C ALA B 45 -12.12 22.48 -5.50
N ILE B 46 -12.81 21.56 -4.84
CA ILE B 46 -14.15 21.18 -5.27
C ILE B 46 -15.13 22.32 -5.04
N ARG B 47 -15.04 22.99 -3.89
CA ARG B 47 -15.92 24.13 -3.63
C ARG B 47 -15.72 25.25 -4.65
N GLN B 48 -14.51 25.38 -5.19
CA GLN B 48 -14.24 26.43 -6.16
C GLN B 48 -14.48 26.00 -7.59
N THR B 49 -14.77 24.72 -7.85
CA THR B 49 -15.07 24.24 -9.19
C THR B 49 -16.44 23.58 -9.25
N TRP B 50 -16.49 22.25 -9.45
CA TRP B 50 -17.76 21.58 -9.69
C TRP B 50 -18.65 21.46 -8.45
N GLY B 51 -18.13 21.72 -7.25
CA GLY B 51 -18.99 21.75 -6.09
C GLY B 51 -19.69 23.06 -5.81
N LYS B 52 -19.31 24.14 -6.51
CA LYS B 52 -19.92 25.44 -6.28
C LYS B 52 -21.42 25.37 -6.54
N GLU B 53 -22.22 25.64 -5.51
CA GLU B 53 -23.66 25.48 -5.62
C GLU B 53 -24.25 26.55 -6.52
N ARG B 54 -25.30 26.16 -7.26
CA ARG B 54 -25.91 27.02 -8.25
C ARG B 54 -27.13 26.38 -8.90
N MET B 55 -27.80 27.17 -9.73
CA MET B 55 -28.86 26.69 -10.60
C MET B 55 -28.25 26.23 -11.91
N VAL B 56 -28.65 25.04 -12.36
CA VAL B 56 -28.20 24.45 -13.59
C VAL B 56 -29.45 24.26 -14.45
N LYS B 57 -29.66 25.15 -15.42
CA LYS B 57 -30.84 25.06 -16.27
C LYS B 57 -32.12 24.99 -15.45
N GLY B 58 -32.20 25.86 -14.43
CA GLY B 58 -33.35 25.91 -13.55
C GLY B 58 -33.42 24.83 -12.49
N LYS B 59 -32.35 24.06 -12.30
CA LYS B 59 -32.35 22.94 -11.37
C LYS B 59 -31.35 23.20 -10.25
N GLN B 60 -31.77 23.02 -9.01
CA GLN B 60 -30.92 23.32 -7.86
C GLN B 60 -29.87 22.22 -7.64
N LEU B 61 -28.60 22.65 -7.55
CA LEU B 61 -27.51 21.75 -7.20
C LEU B 61 -27.04 22.06 -5.78
N LYS B 62 -26.90 21.02 -4.97
CA LYS B 62 -26.37 21.14 -3.61
C LYS B 62 -25.16 20.25 -3.44
N THR B 63 -24.21 20.67 -2.59
CA THR B 63 -22.94 19.97 -2.42
C THR B 63 -22.57 19.86 -0.95
N PHE B 64 -22.35 18.61 -0.47
CA PHE B 64 -22.01 18.35 0.93
C PHE B 64 -20.82 17.40 1.02
N PHE B 65 -20.03 17.56 2.07
CA PHE B 65 -18.84 16.77 2.30
C PHE B 65 -19.07 15.83 3.48
N LEU B 66 -18.86 14.54 3.26
CA LEU B 66 -19.02 13.51 4.28
C LEU B 66 -17.74 13.32 5.06
N LEU B 67 -17.82 13.45 6.39
CA LEU B 67 -16.66 13.29 7.25
C LEU B 67 -17.02 12.43 8.46
N GLY B 68 -16.04 11.69 8.94
CA GLY B 68 -16.10 11.02 10.23
C GLY B 68 -15.41 11.82 11.31
N THR B 69 -14.79 11.11 12.25
CA THR B 69 -14.07 11.73 13.35
C THR B 69 -12.61 11.29 13.31
N THR B 70 -11.75 12.01 14.03
CA THR B 70 -10.32 11.72 13.99
C THR B 70 -9.71 11.89 15.38
N SER B 71 -8.58 11.22 15.60
CA SER B 71 -7.88 11.34 16.87
C SER B 71 -7.06 12.61 16.96
N SER B 72 -6.47 13.05 15.84
CA SER B 72 -5.64 14.25 15.83
C SER B 72 -6.44 15.45 16.30
N ALA B 73 -5.98 16.07 17.39
CA ALA B 73 -6.65 17.27 17.89
C ALA B 73 -6.57 18.41 16.88
N ALA B 74 -5.42 18.53 16.20
CA ALA B 74 -5.24 19.57 15.19
C ALA B 74 -6.25 19.39 14.06
N GLU B 75 -6.36 18.18 13.51
CA GLU B 75 -7.32 17.95 12.45
C GLU B 75 -8.75 18.18 12.93
N THR B 76 -9.06 17.74 14.16
CA THR B 76 -10.40 17.93 14.69
C THR B 76 -10.77 19.42 14.73
N LYS B 77 -9.85 20.24 15.21
CA LYS B 77 -10.16 21.67 15.29
C LYS B 77 -10.23 22.29 13.89
N GLU B 78 -9.31 21.91 13.00
CA GLU B 78 -9.37 22.34 11.61
C GLU B 78 -10.76 22.11 11.01
N VAL B 79 -11.27 20.89 11.14
CA VAL B 79 -12.56 20.56 10.55
C VAL B 79 -13.69 21.29 11.26
N ASP B 80 -13.58 21.48 12.57
CA ASP B 80 -14.59 22.26 13.29
C ASP B 80 -14.73 23.66 12.69
N GLN B 81 -13.59 24.34 12.51
CA GLN B 81 -13.57 25.68 11.91
C GLN B 81 -14.04 25.64 10.46
N GLU B 82 -13.63 24.61 9.71
CA GLU B 82 -14.07 24.48 8.33
C GLU B 82 -15.60 24.40 8.26
N SER B 83 -16.19 23.55 9.11
CA SER B 83 -17.64 23.44 9.15
C SER B 83 -18.28 24.77 9.46
N GLN B 84 -17.75 25.47 10.47
CA GLN B 84 -18.32 26.78 10.80
C GLN B 84 -18.28 27.71 9.60
N ARG B 85 -17.16 27.77 8.91
CA ARG B 85 -17.02 28.69 7.78
C ARG B 85 -17.97 28.33 6.64
N HIS B 86 -18.20 27.04 6.40
CA HIS B 86 -18.93 26.65 5.21
C HIS B 86 -20.27 25.96 5.47
N GLY B 87 -20.47 25.33 6.61
CA GLY B 87 -21.76 24.73 6.89
C GLY B 87 -22.19 23.63 5.94
N ASP B 88 -21.24 22.99 5.24
CA ASP B 88 -21.58 22.00 4.23
C ASP B 88 -21.07 20.61 4.59
N ILE B 89 -20.77 20.35 5.86
CA ILE B 89 -20.19 19.09 6.29
C ILE B 89 -21.26 18.25 6.97
N ILE B 90 -21.35 16.97 6.58
CA ILE B 90 -22.18 15.98 7.25
C ILE B 90 -21.23 15.05 8.00
N GLN B 91 -21.42 14.94 9.31
CA GLN B 91 -20.48 14.21 10.16
C GLN B 91 -21.21 13.37 11.20
N LYS B 92 -20.66 12.19 11.46
CA LYS B 92 -21.09 11.31 12.53
C LYS B 92 -19.83 10.76 13.20
N ASP B 93 -20.01 10.18 14.38
CA ASP B 93 -18.86 9.77 15.19
C ASP B 93 -18.43 8.37 14.80
N PHE B 94 -17.59 8.28 13.77
CA PHE B 94 -16.92 7.03 13.44
C PHE B 94 -15.51 7.35 12.96
N LEU B 95 -14.55 6.49 13.32
CA LEU B 95 -13.17 6.71 12.91
C LEU B 95 -13.09 6.78 11.39
N ASP B 96 -12.69 7.94 10.89
CA ASP B 96 -12.67 8.20 9.45
C ASP B 96 -11.42 7.59 8.85
N VAL B 97 -11.53 6.33 8.42
CA VAL B 97 -10.43 5.60 7.81
C VAL B 97 -10.95 4.82 6.63
N TYR B 98 -10.04 4.50 5.71
CA TYR B 98 -10.44 3.87 4.46
C TYR B 98 -11.43 2.73 4.70
N TYR B 99 -11.15 1.87 5.67
CA TYR B 99 -11.97 0.68 5.89
C TYR B 99 -13.24 0.95 6.67
N ASN B 100 -13.58 2.22 6.89
CA ASN B 100 -14.91 2.59 7.34
C ASN B 100 -15.69 3.35 6.28
N LEU B 101 -15.23 3.33 5.03
CA LEU B 101 -15.95 4.04 3.98
C LEU B 101 -17.39 3.56 3.86
N THR B 102 -17.67 2.27 4.10
CA THR B 102 -19.06 1.84 4.05
C THR B 102 -19.88 2.64 5.04
N LEU B 103 -19.36 2.81 6.26
CA LEU B 103 -20.04 3.66 7.23
C LEU B 103 -20.27 5.04 6.64
N LYS B 104 -19.23 5.63 6.04
CA LYS B 104 -19.41 6.95 5.45
C LYS B 104 -20.53 6.93 4.43
N THR B 105 -20.50 5.96 3.50
CA THR B 105 -21.53 5.98 2.48
C THR B 105 -22.91 5.85 3.13
N MET B 106 -23.06 4.96 4.12
CA MET B 106 -24.40 4.79 4.68
C MET B 106 -24.81 6.04 5.44
N MET B 107 -23.86 6.73 6.09
CA MET B 107 -24.23 8.02 6.68
C MET B 107 -24.84 8.93 5.63
N GLY B 108 -24.13 9.09 4.49
CA GLY B 108 -24.67 9.94 3.45
C GLY B 108 -26.05 9.51 3.04
N ILE B 109 -26.23 8.20 2.85
CA ILE B 109 -27.54 7.73 2.40
C ILE B 109 -28.57 7.99 3.48
N GLU B 110 -28.21 7.72 4.73
CA GLU B 110 -29.11 8.02 5.83
C GLU B 110 -29.47 9.50 5.83
N TRP B 111 -28.49 10.36 5.54
CA TRP B 111 -28.82 11.78 5.58
C TRP B 111 -29.87 12.10 4.54
N VAL B 112 -29.68 11.59 3.31
CA VAL B 112 -30.68 11.82 2.27
C VAL B 112 -32.03 11.29 2.73
N HIS B 113 -32.01 10.13 3.40
CA HIS B 113 -33.27 9.54 3.81
C HIS B 113 -33.98 10.41 4.83
N ARG B 114 -33.24 11.02 5.75
CA ARG B 114 -33.89 11.71 6.86
C ARG B 114 -34.15 13.18 6.58
N PHE B 115 -33.30 13.85 5.81
CA PHE B 115 -33.37 15.30 5.71
C PHE B 115 -33.48 15.79 4.28
N CYS B 116 -33.45 14.92 3.29
CA CYS B 116 -33.55 15.43 1.93
C CYS B 116 -34.16 14.39 1.00
N PRO B 117 -35.25 13.72 1.39
CA PRO B 117 -35.88 12.73 0.49
C PRO B 117 -36.53 13.38 -0.73
N GLN B 118 -36.63 14.70 -0.76
CA GLN B 118 -37.18 15.40 -1.92
C GLN B 118 -36.18 15.54 -3.05
N ALA B 119 -34.90 15.26 -2.83
CA ALA B 119 -33.93 15.35 -3.90
C ALA B 119 -34.39 14.49 -5.07
N ALA B 120 -34.35 15.05 -6.28
CA ALA B 120 -34.66 14.24 -7.44
C ALA B 120 -33.57 13.20 -7.66
N PHE B 121 -32.30 13.61 -7.56
CA PHE B 121 -31.19 12.71 -7.79
C PHE B 121 -30.06 12.99 -6.82
N VAL B 122 -29.32 11.94 -6.48
CA VAL B 122 -28.18 12.04 -5.57
C VAL B 122 -27.00 11.34 -6.21
N MET B 123 -25.84 12.01 -6.15
CA MET B 123 -24.57 11.43 -6.58
C MET B 123 -23.64 11.30 -5.39
N LYS B 124 -23.22 10.07 -5.11
CA LYS B 124 -22.13 9.81 -4.17
C LYS B 124 -20.82 9.84 -4.97
N THR B 125 -19.88 10.68 -4.54
CA THR B 125 -18.62 10.82 -5.28
C THR B 125 -17.44 11.03 -4.33
N ASP B 126 -16.25 11.03 -4.91
CA ASP B 126 -14.99 11.08 -4.17
C ASP B 126 -14.25 12.39 -4.45
N SER B 127 -13.17 12.62 -3.69
CA SER B 127 -12.47 13.90 -3.71
C SER B 127 -11.38 13.98 -4.76
N ASP B 128 -11.06 12.89 -5.43
CA ASP B 128 -10.03 12.90 -6.47
C ASP B 128 -10.69 12.85 -7.85
N MET B 129 -11.74 13.65 -8.04
CA MET B 129 -12.63 13.54 -9.17
C MET B 129 -12.85 14.89 -9.82
N PHE B 130 -13.10 14.86 -11.13
CA PHE B 130 -13.76 15.94 -11.84
C PHE B 130 -15.16 15.47 -12.15
N ILE B 131 -16.15 16.31 -11.89
CA ILE B 131 -17.55 16.02 -12.21
C ILE B 131 -18.07 17.12 -13.11
N ASN B 132 -18.74 16.74 -14.20
CA ASN B 132 -19.42 17.70 -15.08
C ASN B 132 -20.90 17.66 -14.73
N VAL B 133 -21.32 18.58 -13.86
CA VAL B 133 -22.71 18.62 -13.42
C VAL B 133 -23.63 19.08 -14.52
N ASP B 134 -23.19 20.01 -15.37
CA ASP B 134 -24.04 20.45 -16.47
C ASP B 134 -24.42 19.28 -17.37
N TYR B 135 -23.44 18.47 -17.76
CA TYR B 135 -23.74 17.36 -18.64
C TYR B 135 -24.51 16.27 -17.90
N LEU B 136 -24.19 16.04 -16.61
CA LEU B 136 -24.95 15.05 -15.84
C LEU B 136 -26.42 15.44 -15.77
N THR B 137 -26.70 16.72 -15.53
CA THR B 137 -28.08 17.18 -15.48
C THR B 137 -28.79 16.95 -16.81
N GLU B 138 -28.13 17.33 -17.91
CA GLU B 138 -28.69 17.10 -19.24
C GLU B 138 -29.04 15.62 -19.44
N LEU B 139 -28.11 14.74 -19.07
CA LEU B 139 -28.31 13.31 -19.30
C LEU B 139 -29.36 12.72 -18.37
N LEU B 140 -29.47 13.23 -17.15
CA LEU B 140 -30.49 12.73 -16.25
C LEU B 140 -31.87 13.14 -16.73
N LEU B 141 -32.00 14.37 -17.22
CA LEU B 141 -33.28 14.80 -17.78
C LEU B 141 -33.65 14.00 -19.04
N LYS B 142 -32.64 13.67 -19.87
CA LYS B 142 -32.95 12.90 -21.07
C LYS B 142 -33.26 11.45 -20.74
N LYS B 143 -32.58 10.87 -19.75
CA LYS B 143 -32.87 9.49 -19.37
C LYS B 143 -34.28 9.36 -18.82
N ASN B 144 -34.73 10.36 -18.06
CA ASN B 144 -36.11 10.40 -17.62
C ASN B 144 -36.46 9.19 -16.75
N ARG B 145 -35.50 8.75 -15.94
CA ARG B 145 -35.69 7.65 -15.00
C ARG B 145 -35.64 8.27 -13.60
N THR B 146 -36.82 8.39 -12.98
CA THR B 146 -36.99 9.17 -11.76
C THR B 146 -37.23 8.35 -10.52
N THR B 147 -37.39 7.04 -10.63
CA THR B 147 -37.56 6.17 -9.47
C THR B 147 -36.79 4.89 -9.68
N ARG B 148 -36.34 4.29 -8.58
CA ARG B 148 -35.59 3.03 -8.60
C ARG B 148 -34.57 3.03 -9.73
N PHE B 149 -33.82 4.11 -9.81
CA PHE B 149 -32.81 4.33 -10.85
C PHE B 149 -31.44 4.39 -10.19
N PHE B 150 -30.47 3.70 -10.79
CA PHE B 150 -29.12 3.65 -10.26
C PHE B 150 -28.15 3.45 -11.41
N THR B 151 -27.13 4.30 -11.49
CA THR B 151 -26.23 4.34 -12.63
C THR B 151 -24.83 4.77 -12.19
N GLY B 152 -23.89 4.64 -13.12
CA GLY B 152 -22.48 4.93 -12.87
C GLY B 152 -21.63 4.18 -13.87
N PHE B 153 -20.45 3.76 -13.41
CA PHE B 153 -19.65 2.84 -14.18
C PHE B 153 -19.99 1.42 -13.71
N LEU B 154 -20.69 0.67 -14.54
CA LEU B 154 -21.17 -0.64 -14.11
C LEU B 154 -20.01 -1.64 -14.09
N LYS B 155 -19.89 -2.37 -12.97
CA LYS B 155 -18.90 -3.43 -12.76
C LYS B 155 -19.67 -4.73 -12.53
N LEU B 156 -19.78 -5.56 -13.56
CA LEU B 156 -20.80 -6.61 -13.56
C LEU B 156 -20.29 -8.00 -13.21
N ASN B 157 -19.02 -8.34 -13.45
CA ASN B 157 -18.59 -9.71 -13.16
C ASN B 157 -17.31 -9.70 -12.32
N GLU B 158 -17.32 -8.91 -11.26
CA GLU B 158 -16.13 -8.69 -10.42
C GLU B 158 -15.93 -9.85 -9.44
N PHE B 159 -14.68 -10.12 -9.12
CA PHE B 159 -14.35 -11.21 -8.15
C PHE B 159 -13.58 -10.58 -7.00
N PRO B 160 -13.86 -10.98 -5.74
CA PRO B 160 -13.17 -10.40 -4.59
C PRO B 160 -11.67 -10.64 -4.69
N ILE B 161 -10.90 -9.64 -4.24
CA ILE B 161 -9.44 -9.69 -4.30
C ILE B 161 -8.95 -10.39 -3.02
N ARG B 162 -8.27 -11.52 -3.21
CA ARG B 162 -7.79 -12.33 -2.09
C ARG B 162 -6.29 -12.18 -1.83
N GLN B 163 -5.60 -11.31 -2.54
CA GLN B 163 -4.19 -11.00 -2.31
C GLN B 163 -4.03 -10.13 -1.07
N PRO B 164 -3.42 -10.61 0.02
CA PRO B 164 -3.46 -9.85 1.28
C PRO B 164 -2.71 -8.53 1.23
N PHE B 165 -1.87 -8.31 0.22
CA PHE B 165 -1.21 -6.98 0.12
C PHE B 165 -2.12 -5.93 -0.52
N SER B 166 -3.24 -6.32 -1.12
CA SER B 166 -4.02 -5.36 -1.88
C SER B 166 -4.77 -4.39 -0.98
N LYS B 167 -4.91 -3.16 -1.46
CA LYS B 167 -5.75 -2.17 -0.80
C LYS B 167 -7.19 -2.66 -0.69
N TRP B 168 -7.63 -3.48 -1.65
CA TRP B 168 -9.01 -3.94 -1.72
C TRP B 168 -9.14 -5.42 -1.34
N PHE B 169 -8.18 -5.93 -0.57
CA PHE B 169 -8.24 -7.31 -0.11
C PHE B 169 -9.43 -7.51 0.84
N VAL B 170 -10.16 -8.59 0.65
CA VAL B 170 -11.19 -9.00 1.60
C VAL B 170 -11.02 -10.49 1.88
N SER B 171 -10.96 -10.85 3.15
CA SER B 171 -10.81 -12.24 3.54
C SER B 171 -12.05 -13.03 3.17
N LYS B 172 -11.92 -14.35 3.21
CA LYS B 172 -13.09 -15.19 2.94
C LYS B 172 -14.11 -15.13 4.06
N SER B 173 -13.73 -14.71 5.25
CA SER B 173 -14.75 -14.50 6.25
C SER B 173 -15.41 -13.13 6.09
N GLU B 174 -14.69 -12.16 5.54
CA GLU B 174 -15.26 -10.84 5.28
C GLU B 174 -16.28 -10.90 4.14
N TYR B 175 -15.96 -11.67 3.10
CA TYR B 175 -16.86 -11.88 1.96
C TYR B 175 -16.61 -13.29 1.45
N PRO B 176 -17.50 -14.24 1.74
CA PRO B 176 -17.18 -15.65 1.52
C PRO B 176 -17.54 -16.23 0.15
N TRP B 177 -18.04 -15.42 -0.78
CA TRP B 177 -18.46 -15.99 -2.09
C TRP B 177 -17.44 -15.68 -3.21
N ASP B 178 -17.50 -16.44 -4.30
CA ASP B 178 -16.51 -16.34 -5.40
C ASP B 178 -16.76 -15.14 -6.31
N ARG B 179 -17.90 -14.47 -6.15
CA ARG B 179 -18.22 -13.39 -7.10
C ARG B 179 -18.95 -12.27 -6.36
N TYR B 180 -18.69 -11.04 -6.79
CA TYR B 180 -19.39 -9.87 -6.19
C TYR B 180 -20.72 -9.67 -6.92
N PRO B 181 -21.71 -9.01 -6.29
CA PRO B 181 -22.93 -8.64 -7.02
C PRO B 181 -22.59 -7.64 -8.09
N PRO B 182 -23.50 -7.34 -9.03
CA PRO B 182 -23.30 -6.18 -9.90
C PRO B 182 -23.20 -4.93 -9.01
N PHE B 183 -22.31 -4.01 -9.37
CA PHE B 183 -22.25 -2.75 -8.64
C PHE B 183 -21.56 -1.70 -9.51
N CYS B 184 -21.59 -0.45 -9.05
CA CYS B 184 -20.99 0.67 -9.74
C CYS B 184 -19.79 1.19 -8.97
N SER B 185 -18.76 1.62 -9.70
CA SER B 185 -17.56 2.14 -9.06
C SER B 185 -17.92 3.23 -8.08
N GLY B 186 -17.34 3.14 -6.88
CA GLY B 186 -17.59 4.16 -5.90
C GLY B 186 -17.02 5.52 -6.23
N THR B 187 -16.12 5.62 -7.23
CA THR B 187 -15.58 6.93 -7.60
C THR B 187 -16.68 7.94 -7.88
N GLY B 188 -17.83 7.48 -8.37
CA GLY B 188 -18.98 8.34 -8.55
C GLY B 188 -20.18 7.61 -9.13
N TYR B 189 -21.25 7.48 -8.35
CA TYR B 189 -22.46 6.86 -8.87
C TYR B 189 -23.67 7.71 -8.52
N VAL B 190 -24.77 7.49 -9.25
CA VAL B 190 -25.94 8.37 -9.19
C VAL B 190 -27.21 7.55 -9.08
N PHE B 191 -28.17 8.04 -8.29
CA PHE B 191 -29.43 7.34 -8.12
C PHE B 191 -30.57 8.33 -7.89
N SER B 192 -31.78 7.94 -8.28
CA SER B 192 -32.93 8.76 -7.94
C SER B 192 -33.09 8.77 -6.42
N GLY B 193 -33.62 9.89 -5.89
CA GLY B 193 -33.67 10.07 -4.45
C GLY B 193 -34.40 8.98 -3.68
N ASP B 194 -35.44 8.38 -4.29
CA ASP B 194 -36.20 7.32 -3.61
C ASP B 194 -35.32 6.13 -3.19
N VAL B 195 -34.32 5.81 -4.03
CA VAL B 195 -33.41 4.71 -3.74
C VAL B 195 -32.72 4.91 -2.41
N ALA B 196 -32.44 6.15 -2.03
CA ALA B 196 -31.77 6.38 -0.74
C ALA B 196 -32.54 5.72 0.39
N SER B 197 -33.85 5.97 0.45
CA SER B 197 -34.66 5.40 1.51
C SER B 197 -34.72 3.89 1.40
N GLN B 198 -34.86 3.36 0.18
CA GLN B 198 -34.91 1.90 0.03
C GLN B 198 -33.60 1.23 0.50
N VAL B 199 -32.46 1.79 0.12
CA VAL B 199 -31.17 1.22 0.51
C VAL B 199 -30.97 1.34 2.02
N TYR B 200 -31.29 2.53 2.58
CA TYR B 200 -31.13 2.69 4.02
C TYR B 200 -31.98 1.66 4.76
N ASN B 201 -33.16 1.36 4.23
CA ASN B 201 -34.04 0.45 4.98
C ASN B 201 -33.45 -0.95 4.94
N VAL B 202 -33.02 -1.37 3.76
CA VAL B 202 -32.60 -2.77 3.64
C VAL B 202 -31.18 -3.01 4.19
N SER B 203 -30.40 -1.95 4.42
CA SER B 203 -28.98 -2.09 4.74
C SER B 203 -28.70 -3.04 5.91
N LYS B 204 -29.47 -2.92 7.00
CA LYS B 204 -29.09 -3.73 8.16
C LYS B 204 -29.42 -5.22 8.00
N SER B 205 -30.10 -5.61 6.92
CA SER B 205 -30.35 -7.02 6.66
C SER B 205 -29.39 -7.61 5.63
N VAL B 206 -28.54 -6.79 5.03
CA VAL B 206 -27.66 -7.19 3.93
C VAL B 206 -26.29 -7.48 4.53
N PRO B 207 -25.62 -8.56 4.12
CA PRO B 207 -24.29 -8.85 4.68
C PRO B 207 -23.34 -7.67 4.51
N TYR B 208 -22.62 -7.31 5.58
CA TYR B 208 -21.70 -6.19 5.53
C TYR B 208 -20.43 -6.53 4.74
N ILE B 209 -19.88 -5.50 4.09
CA ILE B 209 -18.55 -5.54 3.50
C ILE B 209 -17.94 -4.15 3.59
N LYS B 210 -16.63 -4.09 3.83
CA LYS B 210 -15.96 -2.83 4.06
C LYS B 210 -15.71 -2.03 2.78
N LEU B 211 -15.98 -2.59 1.60
CA LEU B 211 -15.92 -1.84 0.35
C LEU B 211 -17.31 -1.30 0.06
N GLU B 212 -17.45 0.03 0.10
CA GLU B 212 -18.78 0.63 0.12
C GLU B 212 -19.54 0.40 -1.18
N ASP B 213 -18.86 0.52 -2.32
CA ASP B 213 -19.58 0.35 -3.59
C ASP B 213 -20.14 -1.06 -3.73
N VAL B 214 -19.36 -2.07 -3.35
CA VAL B 214 -19.88 -3.45 -3.32
C VAL B 214 -21.07 -3.56 -2.38
N PHE B 215 -20.98 -2.98 -1.19
CA PHE B 215 -22.09 -3.08 -0.25
C PHE B 215 -23.37 -2.51 -0.84
N VAL B 216 -23.27 -1.32 -1.43
CA VAL B 216 -24.44 -0.73 -2.06
C VAL B 216 -24.97 -1.66 -3.15
N GLY B 217 -24.07 -2.29 -3.91
CA GLY B 217 -24.50 -3.29 -4.90
C GLY B 217 -25.29 -4.44 -4.28
N LEU B 218 -24.83 -4.95 -3.14
CA LEU B 218 -25.58 -5.99 -2.42
C LEU B 218 -26.97 -5.50 -2.04
N CYS B 219 -27.06 -4.26 -1.58
CA CYS B 219 -28.36 -3.68 -1.23
C CYS B 219 -29.27 -3.58 -2.45
N LEU B 220 -28.73 -3.08 -3.56
CA LEU B 220 -29.52 -2.91 -4.79
C LEU B 220 -30.02 -4.25 -5.29
N GLU B 221 -29.18 -5.28 -5.22
CA GLU B 221 -29.57 -6.64 -5.58
C GLU B 221 -30.69 -7.16 -4.69
N ARG B 222 -30.59 -6.94 -3.37
CA ARG B 222 -31.68 -7.35 -2.49
C ARG B 222 -32.99 -6.68 -2.89
N LEU B 223 -32.92 -5.46 -3.45
CA LEU B 223 -34.10 -4.69 -3.80
C LEU B 223 -34.61 -4.95 -5.22
N ASN B 224 -33.91 -5.77 -6.00
CA ASN B 224 -34.24 -6.05 -7.40
C ASN B 224 -34.20 -4.79 -8.25
N ILE B 225 -33.31 -3.85 -7.89
CA ILE B 225 -33.06 -2.65 -8.67
C ILE B 225 -31.92 -2.95 -9.64
N ARG B 226 -32.23 -2.97 -10.93
CA ARG B 226 -31.21 -3.31 -11.93
C ARG B 226 -30.36 -2.08 -12.26
N LEU B 227 -29.05 -2.26 -12.36
CA LEU B 227 -28.17 -1.16 -12.74
C LEU B 227 -28.44 -0.79 -14.20
N GLU B 228 -28.40 0.52 -14.50
CA GLU B 228 -28.64 1.01 -15.85
C GLU B 228 -27.53 1.95 -16.29
N GLU B 229 -27.14 1.84 -17.55
CA GLU B 229 -26.21 2.81 -18.11
C GLU B 229 -26.92 4.17 -18.23
N LEU B 230 -26.18 5.24 -18.01
CA LEU B 230 -26.76 6.57 -18.06
C LEU B 230 -27.01 7.04 -19.49
N HIS B 231 -26.17 6.61 -20.44
CA HIS B 231 -26.19 7.16 -21.78
C HIS B 231 -25.71 6.09 -22.74
N SER B 232 -25.91 6.34 -24.03
CA SER B 232 -25.46 5.41 -25.05
C SER B 232 -23.94 5.34 -25.12
N GLN B 233 -23.25 6.37 -24.64
CA GLN B 233 -21.80 6.41 -24.61
C GLN B 233 -21.30 6.39 -23.17
N PRO B 234 -20.13 5.83 -22.92
CA PRO B 234 -19.58 5.88 -21.56
C PRO B 234 -19.47 7.31 -21.08
N THR B 235 -19.80 7.53 -19.80
CA THR B 235 -19.68 8.87 -19.20
C THR B 235 -18.98 8.90 -17.86
N PHE B 236 -18.80 7.75 -17.18
CA PHE B 236 -18.07 7.67 -15.92
C PHE B 236 -16.76 6.96 -16.19
N PHE B 237 -15.64 7.53 -15.72
CA PHE B 237 -14.31 7.00 -16.05
C PHE B 237 -13.45 6.80 -14.81
N PRO B 238 -13.64 5.69 -14.09
CA PRO B 238 -12.77 5.40 -12.93
C PRO B 238 -11.32 5.23 -13.31
N GLY B 239 -11.05 4.87 -14.57
CA GLY B 239 -9.69 4.70 -15.04
C GLY B 239 -8.97 5.97 -15.36
N GLY B 240 -9.67 7.10 -15.40
CA GLY B 240 -9.09 8.38 -15.72
C GLY B 240 -9.07 8.62 -17.21
N LEU B 241 -8.66 9.83 -17.59
CA LEU B 241 -8.75 10.23 -18.98
C LEU B 241 -7.65 11.21 -19.31
N ARG B 242 -7.23 11.19 -20.57
CA ARG B 242 -6.42 12.26 -21.14
C ARG B 242 -7.30 13.49 -21.31
N PHE B 243 -6.87 14.63 -20.76
CA PHE B 243 -7.75 15.78 -20.71
C PHE B 243 -7.85 16.50 -22.05
N SER B 244 -9.07 16.89 -22.40
CA SER B 244 -9.33 17.88 -23.43
C SER B 244 -10.65 18.55 -23.12
N VAL B 245 -10.75 19.83 -23.46
CA VAL B 245 -11.99 20.58 -23.26
C VAL B 245 -13.15 19.85 -23.89
N CYS B 246 -13.00 19.48 -25.16
CA CYS B 246 -14.12 18.90 -25.89
C CYS B 246 -14.54 17.57 -25.29
N LEU B 247 -13.58 16.79 -24.81
CA LEU B 247 -13.94 15.52 -24.18
C LEU B 247 -14.65 15.76 -22.86
N PHE B 248 -14.11 16.65 -22.02
CA PHE B 248 -14.68 16.82 -20.70
C PHE B 248 -16.01 17.55 -20.73
N ARG B 249 -16.35 18.17 -21.86
CA ARG B 249 -17.71 18.72 -21.99
C ARG B 249 -18.79 17.65 -22.11
N ARG B 250 -18.42 16.41 -22.46
CA ARG B 250 -19.37 15.32 -22.69
C ARG B 250 -18.99 14.08 -21.87
N ILE B 251 -18.52 14.30 -20.65
CA ILE B 251 -18.39 13.22 -19.67
C ILE B 251 -19.04 13.71 -18.38
N VAL B 252 -19.34 12.77 -17.49
CA VAL B 252 -19.90 13.07 -16.18
C VAL B 252 -18.83 13.03 -15.08
N ALA B 253 -18.00 12.00 -15.06
CA ALA B 253 -17.08 11.82 -13.94
C ALA B 253 -15.74 11.27 -14.41
N CYS B 254 -14.66 11.83 -13.87
CA CYS B 254 -13.31 11.37 -14.18
C CYS B 254 -12.47 11.29 -12.90
N HIS B 255 -11.84 10.15 -12.68
CA HIS B 255 -11.08 9.84 -11.47
C HIS B 255 -9.60 10.15 -11.70
N PHE B 256 -8.80 10.08 -10.62
CA PHE B 256 -7.35 10.32 -10.69
C PHE B 256 -7.01 11.79 -10.99
N ILE B 257 -7.70 12.73 -10.35
CA ILE B 257 -7.48 14.15 -10.59
C ILE B 257 -7.13 14.82 -9.27
N LYS B 258 -5.93 15.40 -9.18
CA LYS B 258 -5.47 16.09 -7.98
C LYS B 258 -6.02 17.51 -7.91
N PRO B 259 -6.02 18.13 -6.73
CA PRO B 259 -6.62 19.46 -6.60
C PRO B 259 -6.09 20.48 -7.60
N ARG B 260 -4.75 20.63 -7.71
CA ARG B 260 -4.18 21.59 -8.65
C ARG B 260 -4.66 21.32 -10.06
N THR B 261 -4.63 20.05 -10.46
CA THR B 261 -5.14 19.66 -11.77
C THR B 261 -6.61 20.02 -11.93
N LEU B 262 -7.42 19.75 -10.90
CA LEU B 262 -8.83 20.09 -10.97
C LEU B 262 -9.02 21.57 -11.25
N LEU B 263 -8.32 22.43 -10.51
CA LEU B 263 -8.44 23.86 -10.74
C LEU B 263 -8.02 24.23 -12.16
N ASP B 264 -6.96 23.59 -12.65
CA ASP B 264 -6.53 23.87 -14.02
C ASP B 264 -7.59 23.45 -15.04
N TYR B 265 -8.22 22.28 -14.84
CA TYR B 265 -9.26 21.84 -15.78
C TYR B 265 -10.45 22.77 -15.75
N TRP B 266 -10.88 23.17 -14.56
CA TRP B 266 -12.00 24.11 -14.45
C TRP B 266 -11.65 25.40 -15.19
N GLN B 267 -10.43 25.91 -14.98
CA GLN B 267 -10.03 27.13 -15.65
C GLN B 267 -10.01 26.94 -17.17
N ALA B 268 -9.51 25.79 -17.63
CA ALA B 268 -9.54 25.49 -19.06
C ALA B 268 -10.97 25.61 -19.60
N LEU B 269 -11.93 25.02 -18.88
CA LEU B 269 -13.32 25.01 -19.33
C LEU B 269 -13.92 26.42 -19.33
N GLU B 270 -13.58 27.23 -18.33
CA GLU B 270 -14.04 28.62 -18.34
C GLU B 270 -13.43 29.37 -19.52
N ASN B 271 -12.12 29.20 -19.75
CA ASN B 271 -11.42 29.92 -20.80
C ASN B 271 -11.95 29.58 -22.18
N SER B 272 -12.43 28.36 -22.37
CA SER B 272 -12.91 27.94 -23.67
C SER B 272 -14.42 27.94 -23.78
N ARG B 273 -15.13 28.38 -22.72
CA ARG B 273 -16.61 28.32 -22.79
C ARG B 273 -17.06 29.16 -23.99
N GLY B 274 -17.96 28.63 -24.82
CA GLY B 274 -18.37 29.34 -26.02
C GLY B 274 -17.40 29.23 -27.18
N GLU B 275 -16.58 28.17 -27.21
CA GLU B 275 -16.06 27.67 -28.47
C GLU B 275 -16.87 26.44 -28.86
N ASP B 276 -16.71 26.02 -30.10
CA ASP B 276 -17.45 24.84 -30.54
C ASP B 276 -16.53 23.62 -30.60
N CYS B 277 -17.16 22.45 -30.64
CA CYS B 277 -16.48 21.17 -30.54
C CYS B 277 -17.18 20.27 -31.54
N PRO B 278 -16.44 19.51 -32.35
CA PRO B 278 -17.00 18.74 -33.48
C PRO B 278 -18.08 17.76 -33.06
#